data_6LN3
#
_entry.id   6LN3
#
_cell.length_a   193.440
_cell.length_b   193.440
_cell.length_c   193.440
_cell.angle_alpha   90.000
_cell.angle_beta   90.000
_cell.angle_gamma   90.000
#
_symmetry.space_group_name_H-M   'F 4 3 2'
#
loop_
_entity.id
_entity.type
_entity.pdbx_description
1 polymer 'Adenylate kinase'
2 non-polymer 'ADENOSINE MONOPHOSPHATE'
3 non-polymer "ADENOSINE-5'-TRIPHOSPHATE"
4 non-polymer 'MAGNESIUM ION'
5 non-polymer '4-(2-HYDROXYETHYL)-1-PIPERAZINE ETHANESULFONIC ACID'
6 non-polymer 'CHLORIDE ION'
7 water water
#
_entity_poly.entity_id   1
_entity_poly.type   'polypeptide(L)'
_entity_poly.pdbx_seq_one_letter_code
;MRHPFKVVVVTGVPGVGKTTVIKELQGLAEKEGVKLHIVNFGSFMLDTAVKLGLVEDRDKIRTLPLRRQLELQREAAKRI
VAEASKALGGDGVLIIDTHALVKTVAGYWPGLPKHVLDELKPDMIAVVEASPEEVAARQARDTTRYRVDIGGVEGVKRLM
ENARAASIASAIQYASTVAIVENREGEAAKAAEELLRLIKNL
;
_entity_poly.pdbx_strand_id   A
#
loop_
_chem_comp.id
_chem_comp.type
_chem_comp.name
_chem_comp.formula
AMP non-polymer 'ADENOSINE MONOPHOSPHATE' 'C10 H14 N5 O7 P'
ATP non-polymer ADENOSINE-5'-TRIPHOSPHATE 'C10 H16 N5 O13 P3'
CL non-polymer 'CHLORIDE ION' 'Cl -1'
EPE non-polymer '4-(2-HYDROXYETHYL)-1-PIPERAZINE ETHANESULFONIC ACID' 'C8 H18 N2 O4 S'
MG non-polymer 'MAGNESIUM ION' 'Mg 2'
#
# COMPACT_ATOMS: atom_id res chain seq x y z
N MET A 1 -0.94 19.56 -6.70
CA MET A 1 -2.19 19.57 -5.89
C MET A 1 -2.06 18.47 -4.79
N ARG A 2 -2.43 18.95 -3.62
CA ARG A 2 -2.07 18.44 -2.29
C ARG A 2 -3.28 18.61 -1.39
N HIS A 3 -3.44 17.70 -0.46
CA HIS A 3 -4.37 17.85 0.68
C HIS A 3 -3.73 18.77 1.72
N PRO A 4 -4.49 19.28 2.72
CA PRO A 4 -3.89 20.06 3.80
C PRO A 4 -2.96 19.17 4.64
N PHE A 5 -3.31 17.90 4.81
CA PHE A 5 -2.44 16.90 5.48
C PHE A 5 -1.51 16.29 4.42
N LYS A 6 -0.43 15.65 4.86
CA LYS A 6 0.46 14.91 3.95
C LYS A 6 -0.15 13.54 3.71
N VAL A 7 0.09 13.01 2.53
CA VAL A 7 -0.42 11.67 2.12
C VAL A 7 0.76 10.78 1.71
N VAL A 8 0.93 9.67 2.41
CA VAL A 8 1.99 8.70 2.08
C VAL A 8 1.31 7.39 1.72
N VAL A 9 1.54 6.94 0.49
CA VAL A 9 1.03 5.65 0.00
C VAL A 9 2.18 4.64 0.14
N VAL A 10 1.95 3.57 0.88
CA VAL A 10 3.02 2.56 1.15
C VAL A 10 2.65 1.34 0.31
N THR A 11 3.51 1.04 -0.67
CA THR A 11 3.35 -0.08 -1.60
C THR A 11 4.46 -1.11 -1.37
N GLY A 12 4.32 -2.25 -2.08
CA GLY A 12 5.30 -3.35 -2.19
C GLY A 12 4.55 -4.66 -2.37
N VAL A 13 5.26 -5.68 -2.82
CA VAL A 13 4.60 -6.96 -3.21
C VAL A 13 3.99 -7.63 -2.01
N PRO A 14 2.98 -8.48 -2.22
CA PRO A 14 2.41 -9.22 -1.09
C PRO A 14 3.46 -10.04 -0.30
N GLY A 15 3.48 -9.85 1.01
CA GLY A 15 4.39 -10.59 1.91
C GLY A 15 5.67 -9.84 2.19
N VAL A 16 5.91 -8.69 1.54
CA VAL A 16 7.20 -7.99 1.71
C VAL A 16 7.30 -7.44 3.15
N GLY A 17 6.19 -7.09 3.79
CA GLY A 17 6.17 -6.59 5.17
C GLY A 17 5.61 -5.18 5.31
N LYS A 18 4.77 -4.72 4.36
CA LYS A 18 4.17 -3.36 4.45
C LYS A 18 3.45 -3.14 5.78
N THR A 19 2.49 -4.00 6.12
CA THR A 19 1.60 -3.86 7.27
C THR A 19 2.49 -3.95 8.53
N THR A 20 3.52 -4.80 8.50
CA THR A 20 4.50 -4.94 9.62
C THR A 20 5.29 -3.64 9.82
N VAL A 21 5.86 -3.11 8.76
CA VAL A 21 6.69 -1.90 8.81
C VAL A 21 5.79 -0.74 9.25
N ILE A 22 4.56 -0.67 8.75
CA ILE A 22 3.63 0.43 9.13
C ILE A 22 3.31 0.33 10.64
N LYS A 23 3.16 -0.89 11.18
CA LYS A 23 2.87 -1.07 12.63
C LYS A 23 4.07 -0.56 13.44
N GLU A 24 5.31 -0.76 12.97
CA GLU A 24 6.53 -0.23 13.61
C GLU A 24 6.54 1.30 13.47
N LEU A 25 6.21 1.82 12.28
CA LEU A 25 6.17 3.27 12.06
C LEU A 25 5.15 3.88 13.05
N GLN A 26 4.02 3.26 13.31
CA GLN A 26 3.00 3.79 14.24
C GLN A 26 3.63 3.99 15.64
N GLY A 27 4.38 3.02 16.15
CA GLY A 27 4.97 3.11 17.51
C GLY A 27 5.98 4.25 17.56
N LEU A 28 6.80 4.32 16.53
CA LEU A 28 7.89 5.31 16.43
C LEU A 28 7.27 6.70 16.33
N ALA A 29 6.24 6.85 15.49
CA ALA A 29 5.51 8.11 15.29
C ALA A 29 4.94 8.60 16.62
N GLU A 30 4.21 7.77 17.34
CA GLU A 30 3.55 8.22 18.61
C GLU A 30 4.63 8.56 19.66
N LYS A 31 5.76 7.84 19.68
CA LYS A 31 6.94 8.12 20.56
C LYS A 31 7.47 9.51 20.27
N GLU A 32 7.53 9.93 19.01
CA GLU A 32 8.10 11.24 18.61
C GLU A 32 7.04 12.31 18.42
N GLY A 33 5.80 12.05 18.79
CA GLY A 33 4.67 13.00 18.65
C GLY A 33 4.29 13.36 17.22
N VAL A 34 4.51 12.48 16.24
CA VAL A 34 4.11 12.72 14.82
C VAL A 34 2.72 12.12 14.63
N LYS A 35 1.79 12.93 14.15
CA LYS A 35 0.37 12.54 14.04
C LYS A 35 0.13 11.73 12.76
N LEU A 36 -0.30 10.48 12.88
CA LEU A 36 -0.63 9.63 11.71
C LEU A 36 -2.11 9.31 11.74
N HIS A 37 -2.71 9.14 10.58
CA HIS A 37 -3.92 8.32 10.43
C HIS A 37 -3.58 7.19 9.46
N ILE A 38 -3.80 5.95 9.86
CA ILE A 38 -3.30 4.77 9.11
C ILE A 38 -4.51 4.01 8.62
N VAL A 39 -4.55 3.73 7.34
CA VAL A 39 -5.64 2.88 6.77
C VAL A 39 -4.99 1.81 5.89
N ASN A 40 -5.75 0.76 5.61
CA ASN A 40 -5.42 -0.28 4.62
C ASN A 40 -6.43 -0.19 3.49
N PHE A 41 -5.98 0.12 2.28
CA PHE A 41 -6.85 0.26 1.08
C PHE A 41 -7.66 -1.02 0.84
N GLY A 42 -7.00 -2.17 0.92
CA GLY A 42 -7.67 -3.46 0.78
C GLY A 42 -8.81 -3.66 1.78
N SER A 43 -8.65 -3.25 3.04
CA SER A 43 -9.71 -3.38 4.05
C SER A 43 -10.94 -2.54 3.66
N PHE A 44 -10.75 -1.38 3.05
CA PHE A 44 -11.83 -0.53 2.51
C PHE A 44 -12.51 -1.26 1.34
N MET A 45 -11.75 -1.89 0.46
CA MET A 45 -12.38 -2.69 -0.63
C MET A 45 -13.12 -3.91 -0.04
N LEU A 46 -12.55 -4.62 0.94
CA LEU A 46 -13.17 -5.82 1.54
C LEU A 46 -14.53 -5.47 2.18
N ASP A 47 -14.60 -4.36 2.91
CA ASP A 47 -15.84 -3.85 3.55
C ASP A 47 -16.97 -3.82 2.50
N THR A 48 -16.78 -3.14 1.39
CA THR A 48 -17.79 -3.04 0.31
C THR A 48 -18.05 -4.41 -0.30
N ALA A 49 -17.03 -5.21 -0.60
CA ALA A 49 -17.20 -6.50 -1.31
C ALA A 49 -18.02 -7.46 -0.44
N VAL A 50 -17.77 -7.46 0.86
CA VAL A 50 -18.47 -8.32 1.85
C VAL A 50 -19.93 -7.87 1.94
N LYS A 51 -20.20 -6.57 2.02
CA LYS A 51 -21.58 -6.03 1.99
C LYS A 51 -22.31 -6.52 0.73
N LEU A 52 -21.64 -6.67 -0.40
CA LEU A 52 -22.31 -7.04 -1.67
C LEU A 52 -22.31 -8.55 -1.83
N GLY A 53 -21.79 -9.29 -0.83
CA GLY A 53 -21.78 -10.77 -0.91
C GLY A 53 -20.83 -11.29 -1.98
N LEU A 54 -19.77 -10.55 -2.32
CA LEU A 54 -18.89 -10.90 -3.46
C LEU A 54 -17.77 -11.83 -3.01
N VAL A 55 -17.22 -11.63 -1.82
CA VAL A 55 -16.08 -12.45 -1.32
C VAL A 55 -16.22 -12.45 0.19
N GLU A 56 -15.51 -13.33 0.87
CA GLU A 56 -15.41 -13.21 2.34
C GLU A 56 -13.95 -12.99 2.76
N ASP A 57 -13.01 -13.09 1.84
CA ASP A 57 -11.55 -13.18 2.14
C ASP A 57 -10.84 -12.08 1.35
N ARG A 58 -9.92 -11.34 1.97
CA ARG A 58 -9.26 -10.18 1.32
C ARG A 58 -8.40 -10.67 0.15
N ASP A 59 -7.98 -11.93 0.17
CA ASP A 59 -7.08 -12.47 -0.88
C ASP A 59 -7.89 -12.97 -2.07
N LYS A 60 -9.21 -12.88 -2.03
CA LYS A 60 -10.07 -13.23 -3.19
C LYS A 60 -10.49 -11.98 -3.96
N ILE A 61 -10.20 -10.79 -3.44
CA ILE A 61 -10.63 -9.53 -4.12
C ILE A 61 -10.02 -9.51 -5.52
N ARG A 62 -8.77 -9.92 -5.65
CA ARG A 62 -8.03 -9.80 -6.92
C ARG A 62 -8.51 -10.88 -7.91
N THR A 63 -9.44 -11.75 -7.51
CA THR A 63 -10.01 -12.79 -8.40
C THR A 63 -11.37 -12.34 -8.95
N LEU A 64 -11.90 -11.18 -8.52
CA LEU A 64 -13.19 -10.65 -9.04
C LEU A 64 -13.02 -10.16 -10.46
N PRO A 65 -14.10 -10.11 -11.25
CA PRO A 65 -14.03 -9.51 -12.57
C PRO A 65 -13.48 -8.09 -12.43
N LEU A 66 -12.66 -7.65 -13.37
CA LEU A 66 -11.95 -6.37 -13.23
C LEU A 66 -12.92 -5.17 -13.21
N ARG A 67 -14.03 -5.15 -13.95
CA ARG A 67 -14.92 -3.98 -13.82
C ARG A 67 -15.50 -3.88 -12.41
N ARG A 68 -15.72 -5.01 -11.74
CA ARG A 68 -16.14 -4.97 -10.34
C ARG A 68 -15.01 -4.43 -9.46
N GLN A 69 -13.77 -4.90 -9.65
CA GLN A 69 -12.63 -4.43 -8.82
C GLN A 69 -12.48 -2.92 -9.03
N LEU A 70 -12.67 -2.44 -10.26
CA LEU A 70 -12.54 -1.00 -10.57
C LEU A 70 -13.51 -0.16 -9.68
N GLU A 71 -14.74 -0.63 -9.56
CA GLU A 71 -15.78 0.09 -8.75
C GLU A 71 -15.36 0.06 -7.28
N LEU A 72 -14.87 -1.07 -6.78
CA LEU A 72 -14.47 -1.17 -5.36
C LEU A 72 -13.27 -0.27 -5.10
N GLN A 73 -12.28 -0.26 -5.99
CA GLN A 73 -11.10 0.64 -5.90
C GLN A 73 -11.51 2.12 -5.86
N ARG A 74 -12.41 2.55 -6.75
CA ARG A 74 -12.87 3.97 -6.79
C ARG A 74 -13.52 4.34 -5.46
N GLU A 75 -14.44 3.52 -5.00
CA GLU A 75 -15.18 3.82 -3.75
C GLU A 75 -14.20 3.80 -2.57
N ALA A 76 -13.24 2.87 -2.49
CA ALA A 76 -12.30 2.80 -1.35
C ALA A 76 -11.51 4.12 -1.27
N ALA A 77 -11.01 4.62 -2.38
CA ALA A 77 -10.20 5.85 -2.42
C ALA A 77 -11.04 7.03 -1.91
N LYS A 78 -12.28 7.15 -2.31
CA LYS A 78 -13.13 8.29 -1.88
C LYS A 78 -13.42 8.19 -0.40
N ARG A 79 -13.71 7.00 0.10
CA ARG A 79 -13.99 6.82 1.54
C ARG A 79 -12.77 7.11 2.39
N ILE A 80 -11.61 6.67 1.96
CA ILE A 80 -10.35 6.92 2.69
C ILE A 80 -10.15 8.44 2.84
N VAL A 81 -10.31 9.20 1.78
CA VAL A 81 -10.01 10.65 1.83
C VAL A 81 -11.07 11.34 2.72
N ALA A 82 -12.34 10.95 2.63
CA ALA A 82 -13.40 11.52 3.48
C ALA A 82 -13.07 11.27 4.95
N GLU A 83 -12.57 10.08 5.28
CA GLU A 83 -12.28 9.73 6.69
C GLU A 83 -11.02 10.50 7.13
N ALA A 84 -9.97 10.52 6.29
CA ALA A 84 -8.72 11.22 6.62
C ALA A 84 -9.04 12.71 6.91
N SER A 85 -9.88 13.31 6.08
CA SER A 85 -10.28 14.74 6.19
C SER A 85 -10.90 15.10 7.53
N LYS A 86 -11.63 14.18 8.13
CA LYS A 86 -12.21 14.37 9.47
C LYS A 86 -11.18 14.07 10.55
N ALA A 87 -10.18 13.23 10.31
CA ALA A 87 -9.24 12.83 11.37
C ALA A 87 -8.06 13.79 11.45
N LEU A 88 -7.65 14.45 10.37
CA LEU A 88 -6.29 15.04 10.35
C LEU A 88 -6.41 16.54 10.11
N GLY A 89 -5.53 17.31 10.74
CA GLY A 89 -5.27 18.68 10.29
C GLY A 89 -3.98 18.74 9.48
N GLY A 90 -3.45 19.95 9.29
CA GLY A 90 -2.31 20.22 8.43
C GLY A 90 -1.03 19.67 9.01
N ASP A 91 -1.03 19.32 10.28
CA ASP A 91 0.15 18.73 10.93
C ASP A 91 0.08 17.21 10.88
N GLY A 92 -0.90 16.60 10.21
CA GLY A 92 -0.99 15.13 10.20
C GLY A 92 -0.53 14.50 8.88
N VAL A 93 -0.28 13.20 8.96
CA VAL A 93 0.12 12.36 7.81
C VAL A 93 -0.84 11.17 7.69
N LEU A 94 -1.50 11.05 6.55
CA LEU A 94 -2.27 9.86 6.13
C LEU A 94 -1.32 8.83 5.58
N ILE A 95 -1.34 7.64 6.18
CA ILE A 95 -0.53 6.46 5.75
C ILE A 95 -1.53 5.47 5.12
N ILE A 96 -1.34 5.15 3.85
CA ILE A 96 -2.22 4.20 3.13
C ILE A 96 -1.38 2.97 2.77
N ASP A 97 -1.72 1.88 3.41
CA ASP A 97 -1.11 0.53 3.23
C ASP A 97 -1.76 -0.03 1.98
N THR A 98 -1.04 -0.14 0.87
CA THR A 98 -1.69 -0.57 -0.41
C THR A 98 -0.66 -1.15 -1.37
N HIS A 99 -0.95 -1.11 -2.67
CA HIS A 99 -0.17 -1.80 -3.73
C HIS A 99 -0.09 -0.86 -4.92
N ALA A 100 1.05 -0.79 -5.58
CA ALA A 100 1.16 -0.09 -6.88
C ALA A 100 0.70 -0.98 -8.02
N LEU A 101 0.79 -2.29 -7.82
CA LEU A 101 0.43 -3.28 -8.86
C LEU A 101 -0.09 -4.53 -8.19
N VAL A 102 -1.31 -4.90 -8.59
CA VAL A 102 -2.01 -6.09 -8.07
C VAL A 102 -2.02 -7.19 -9.13
N LYS A 103 -1.62 -8.38 -8.75
CA LYS A 103 -1.64 -9.53 -9.68
C LYS A 103 -3.05 -10.13 -9.70
N THR A 104 -3.84 -9.78 -10.71
CA THR A 104 -5.26 -10.18 -10.82
C THR A 104 -5.38 -11.34 -11.80
N VAL A 105 -6.59 -11.84 -11.89
CA VAL A 105 -7.00 -12.87 -12.88
C VAL A 105 -6.99 -12.31 -14.31
N ALA A 106 -6.83 -11.00 -14.53
CA ALA A 106 -6.70 -10.50 -15.92
C ALA A 106 -5.40 -9.72 -16.13
N GLY A 107 -4.38 -10.01 -15.33
CA GLY A 107 -3.03 -9.42 -15.46
C GLY A 107 -2.67 -8.51 -14.30
N TYR A 108 -1.54 -7.83 -14.43
CA TYR A 108 -1.03 -6.86 -13.44
C TYR A 108 -1.97 -5.64 -13.52
N TRP A 109 -2.51 -5.19 -12.39
CA TRP A 109 -3.52 -4.11 -12.40
C TRP A 109 -3.01 -2.97 -11.53
N PRO A 110 -2.90 -1.72 -12.05
CA PRO A 110 -2.44 -0.61 -11.23
C PRO A 110 -3.30 -0.37 -10.00
N GLY A 111 -2.63 -0.27 -8.86
CA GLY A 111 -3.26 0.07 -7.61
C GLY A 111 -3.42 1.59 -7.48
N LEU A 112 -2.61 2.37 -8.21
CA LEU A 112 -2.63 3.86 -8.14
C LEU A 112 -2.90 4.42 -9.53
N PRO A 113 -4.02 4.04 -10.16
CA PRO A 113 -4.35 4.65 -11.44
C PRO A 113 -4.75 6.12 -11.23
N LYS A 114 -4.91 6.85 -12.31
CA LYS A 114 -5.16 8.30 -12.24
C LYS A 114 -6.39 8.60 -11.37
N HIS A 115 -7.50 7.84 -11.49
CA HIS A 115 -8.78 8.12 -10.76
C HIS A 115 -8.53 7.97 -9.25
N VAL A 116 -7.65 7.06 -8.85
CA VAL A 116 -7.25 6.91 -7.43
C VAL A 116 -6.34 8.08 -7.01
N LEU A 117 -5.35 8.44 -7.83
CA LEU A 117 -4.41 9.53 -7.48
C LEU A 117 -5.16 10.85 -7.44
N ASP A 118 -6.17 11.02 -8.27
CA ASP A 118 -6.99 12.27 -8.19
C ASP A 118 -7.66 12.40 -6.82
N GLU A 119 -7.97 11.32 -6.14
CA GLU A 119 -8.49 11.37 -4.76
C GLU A 119 -7.34 11.53 -3.77
N LEU A 120 -6.33 10.66 -3.82
CA LEU A 120 -5.31 10.60 -2.74
C LEU A 120 -4.26 11.74 -2.84
N LYS A 121 -3.88 12.20 -4.01
CA LYS A 121 -2.90 13.30 -4.22
C LYS A 121 -1.65 13.07 -3.37
N PRO A 122 -0.96 11.93 -3.56
CA PRO A 122 0.13 11.58 -2.69
C PRO A 122 1.34 12.52 -2.74
N ASP A 123 1.82 12.88 -1.55
CA ASP A 123 3.14 13.52 -1.35
C ASP A 123 4.24 12.50 -1.68
N MET A 124 3.99 11.23 -1.37
CA MET A 124 5.04 10.18 -1.46
C MET A 124 4.37 8.84 -1.75
N ILE A 125 5.03 8.08 -2.62
CA ILE A 125 4.78 6.64 -2.81
C ILE A 125 6.04 5.91 -2.29
N ALA A 126 5.94 5.32 -1.10
CA ALA A 126 7.03 4.52 -0.50
C ALA A 126 6.94 3.13 -1.13
N VAL A 127 8.06 2.56 -1.55
CA VAL A 127 8.14 1.17 -2.08
C VAL A 127 8.92 0.29 -1.11
N VAL A 128 8.24 -0.52 -0.34
CA VAL A 128 8.90 -1.46 0.59
C VAL A 128 9.41 -2.66 -0.22
N GLU A 129 10.72 -2.94 -0.14
CA GLU A 129 11.40 -3.96 -0.97
C GLU A 129 12.25 -4.91 -0.08
N ALA A 130 12.39 -6.12 -0.53
CA ALA A 130 13.34 -7.12 0.02
C ALA A 130 13.70 -8.04 -1.14
N SER A 131 14.62 -8.97 -0.95
CA SER A 131 14.98 -9.93 -2.00
C SER A 131 13.73 -10.76 -2.28
N PRO A 132 13.57 -11.25 -3.53
CA PRO A 132 12.49 -12.20 -3.81
C PRO A 132 12.47 -13.42 -2.89
N GLU A 133 13.66 -13.92 -2.56
CA GLU A 133 13.85 -15.08 -1.65
C GLU A 133 13.37 -14.70 -0.27
N GLU A 134 13.71 -13.51 0.21
CA GLU A 134 13.20 -13.08 1.54
C GLU A 134 11.68 -12.99 1.48
N VAL A 135 11.16 -12.41 0.41
CA VAL A 135 9.67 -12.23 0.33
C VAL A 135 9.02 -13.62 0.32
N ALA A 136 9.54 -14.55 -0.48
CA ALA A 136 8.97 -15.91 -0.59
C ALA A 136 9.01 -16.62 0.77
N ALA A 137 10.06 -16.44 1.55
CA ALA A 137 10.16 -17.05 2.89
C ALA A 137 9.16 -16.38 3.85
N ARG A 138 9.03 -15.06 3.77
CA ARG A 138 8.01 -14.37 4.60
C ARG A 138 6.61 -14.88 4.24
N GLN A 139 6.29 -15.01 2.95
CA GLN A 139 4.98 -15.58 2.55
C GLN A 139 4.81 -16.99 3.15
N ALA A 140 5.86 -17.84 3.11
CA ALA A 140 5.71 -19.26 3.58
C ALA A 140 5.40 -19.27 5.06
N ARG A 141 6.08 -18.46 5.85
CA ARG A 141 5.92 -18.47 7.32
C ARG A 141 4.58 -17.84 7.71
N ASP A 142 3.95 -17.02 6.87
CA ASP A 142 2.70 -16.30 7.26
C ASP A 142 1.51 -17.10 6.75
N THR A 143 0.94 -17.97 7.57
CA THR A 143 -0.19 -18.84 7.13
C THR A 143 -1.51 -18.10 7.33
N THR A 144 -1.54 -16.88 7.85
CA THR A 144 -2.80 -16.09 7.94
C THR A 144 -3.24 -15.59 6.55
N ARG A 145 -2.37 -15.64 5.52
CA ARG A 145 -2.66 -14.96 4.24
C ARG A 145 -2.38 -15.92 3.09
N TYR A 146 -3.22 -15.90 2.07
CA TYR A 146 -3.02 -16.69 0.83
C TYR A 146 -2.27 -15.86 -0.21
N ARG A 147 -1.05 -16.26 -0.57
CA ARG A 147 -0.18 -15.54 -1.53
C ARG A 147 0.45 -16.51 -2.54
N VAL A 148 -0.02 -17.77 -2.60
CA VAL A 148 0.58 -18.79 -3.50
C VAL A 148 0.42 -18.32 -4.95
N ASP A 149 -0.70 -17.68 -5.28
CA ASP A 149 -0.96 -17.17 -6.67
C ASP A 149 0.06 -16.11 -7.09
N ILE A 150 0.79 -15.47 -6.16
CA ILE A 150 1.85 -14.50 -6.59
C ILE A 150 3.00 -15.23 -7.29
N GLY A 151 3.21 -16.53 -7.02
CA GLY A 151 4.07 -17.35 -7.89
C GLY A 151 5.45 -17.62 -7.32
N GLY A 152 5.59 -17.60 -5.99
CA GLY A 152 6.85 -17.82 -5.24
C GLY A 152 7.94 -16.89 -5.72
N VAL A 153 9.20 -17.32 -5.58
CA VAL A 153 10.41 -16.48 -5.87
C VAL A 153 10.33 -15.91 -7.28
N GLU A 154 10.01 -16.73 -8.27
CA GLU A 154 10.03 -16.19 -9.65
C GLU A 154 8.87 -15.20 -9.84
N GLY A 155 7.68 -15.49 -9.30
CA GLY A 155 6.52 -14.60 -9.49
C GLY A 155 6.77 -13.27 -8.76
N VAL A 156 7.37 -13.38 -7.56
CA VAL A 156 7.66 -12.19 -6.73
C VAL A 156 8.63 -11.32 -7.50
N LYS A 157 9.65 -11.91 -8.07
CA LYS A 157 10.68 -11.12 -8.76
C LYS A 157 10.07 -10.30 -9.90
N ARG A 158 9.21 -10.93 -10.70
CA ARG A 158 8.58 -10.24 -11.83
C ARG A 158 7.64 -9.16 -11.35
N LEU A 159 6.80 -9.46 -10.37
CA LEU A 159 5.83 -8.48 -9.86
C LEU A 159 6.63 -7.28 -9.34
N MET A 160 7.74 -7.52 -8.61
CA MET A 160 8.59 -6.43 -8.03
C MET A 160 9.09 -5.50 -9.11
N GLU A 161 9.65 -6.01 -10.20
CA GLU A 161 10.13 -5.19 -11.33
C GLU A 161 8.97 -4.37 -11.94
N ASN A 162 7.82 -4.99 -12.20
CA ASN A 162 6.63 -4.32 -12.79
C ASN A 162 6.06 -3.29 -11.79
N ALA A 163 6.08 -3.61 -10.51
CA ALA A 163 5.53 -2.74 -9.45
C ALA A 163 6.37 -1.50 -9.28
N ARG A 164 7.70 -1.63 -9.44
CA ARG A 164 8.62 -0.46 -9.37
C ARG A 164 8.24 0.50 -10.50
N ALA A 165 8.06 -0.03 -11.70
CA ALA A 165 7.73 0.73 -12.88
C ALA A 165 6.35 1.38 -12.69
N ALA A 166 5.38 0.67 -12.11
CA ALA A 166 4.04 1.24 -11.86
C ALA A 166 4.13 2.41 -10.86
N SER A 167 4.94 2.28 -9.81
CA SER A 167 5.10 3.26 -8.72
C SER A 167 5.61 4.56 -9.36
N ILE A 168 6.62 4.45 -10.21
CA ILE A 168 7.19 5.63 -10.91
C ILE A 168 6.15 6.22 -11.84
N ALA A 169 5.42 5.42 -12.62
CA ALA A 169 4.44 5.99 -13.53
C ALA A 169 3.39 6.75 -12.70
N SER A 170 2.95 6.22 -11.57
CA SER A 170 1.88 6.80 -10.73
C SER A 170 2.37 8.11 -10.11
N ALA A 171 3.67 8.17 -9.80
CA ALA A 171 4.31 9.37 -9.19
C ALA A 171 4.25 10.60 -10.10
N ILE A 172 4.25 10.44 -11.42
CA ILE A 172 4.18 11.52 -12.44
C ILE A 172 2.89 12.35 -12.21
N GLN A 173 1.77 11.74 -11.82
CA GLN A 173 0.46 12.44 -11.86
C GLN A 173 0.44 13.64 -10.91
N TYR A 174 0.92 13.51 -9.69
CA TYR A 174 0.88 14.57 -8.65
C TYR A 174 2.28 14.84 -8.10
N ALA A 175 3.33 14.51 -8.85
CA ALA A 175 4.73 14.79 -8.49
C ALA A 175 5.00 14.23 -7.08
N SER A 176 4.64 12.98 -6.86
CA SER A 176 4.85 12.24 -5.61
C SER A 176 6.32 11.85 -5.57
N THR A 177 6.98 11.86 -4.42
CA THR A 177 8.30 11.17 -4.34
C THR A 177 8.09 9.67 -4.45
N VAL A 178 9.14 9.00 -4.85
CA VAL A 178 9.22 7.50 -4.83
C VAL A 178 10.38 7.17 -3.87
N ALA A 179 10.04 6.64 -2.70
CA ALA A 179 11.00 6.36 -1.61
C ALA A 179 11.12 4.86 -1.50
N ILE A 180 12.26 4.31 -1.83
CA ILE A 180 12.53 2.84 -1.75
C ILE A 180 12.98 2.55 -0.32
N VAL A 181 12.24 1.72 0.37
CA VAL A 181 12.51 1.36 1.78
C VAL A 181 12.85 -0.13 1.82
N GLU A 182 14.10 -0.46 2.14
CA GLU A 182 14.57 -1.86 2.30
C GLU A 182 14.05 -2.43 3.58
N ASN A 183 13.23 -3.45 3.51
CA ASN A 183 12.78 -4.17 4.72
C ASN A 183 13.64 -5.44 4.88
N ARG A 184 14.80 -5.26 5.45
CA ARG A 184 15.81 -6.34 5.67
C ARG A 184 15.31 -7.30 6.71
N GLU A 185 15.71 -8.56 6.54
CA GLU A 185 15.25 -9.66 7.39
C GLU A 185 15.55 -9.31 8.86
N GLY A 186 14.53 -9.30 9.70
CA GLY A 186 14.67 -9.02 11.14
C GLY A 186 14.85 -7.54 11.45
N GLU A 187 14.72 -6.64 10.47
CA GLU A 187 14.97 -5.18 10.72
C GLU A 187 13.81 -4.30 10.23
N ALA A 188 12.58 -4.70 10.55
CA ALA A 188 11.34 -3.96 10.23
C ALA A 188 11.40 -2.62 10.97
N ALA A 189 11.94 -2.58 12.20
CA ALA A 189 11.99 -1.32 12.98
C ALA A 189 12.87 -0.33 12.22
N LYS A 190 14.01 -0.76 11.72
CA LYS A 190 14.93 0.13 10.97
C LYS A 190 14.26 0.63 9.69
N ALA A 191 13.49 -0.22 8.99
CA ALA A 191 12.74 0.24 7.79
C ALA A 191 11.78 1.36 8.21
N ALA A 192 11.07 1.17 9.32
CA ALA A 192 10.11 2.17 9.82
C ALA A 192 10.84 3.49 10.15
N GLU A 193 12.05 3.42 10.72
CA GLU A 193 12.85 4.66 10.99
C GLU A 193 13.25 5.34 9.71
N GLU A 194 13.71 4.58 8.71
CA GLU A 194 14.11 5.22 7.43
C GLU A 194 12.87 5.86 6.80
N LEU A 195 11.73 5.22 6.88
CA LEU A 195 10.52 5.77 6.26
C LEU A 195 10.16 7.08 6.98
N LEU A 196 10.12 7.09 8.31
CA LEU A 196 9.78 8.28 9.12
C LEU A 196 10.70 9.42 8.71
N ARG A 197 11.98 9.18 8.57
CA ARG A 197 12.94 10.25 8.22
C ARG A 197 12.53 10.87 6.89
N LEU A 198 12.14 10.04 5.93
CA LEU A 198 11.81 10.59 4.58
C LEU A 198 10.51 11.40 4.74
N ILE A 199 9.56 10.85 5.49
CA ILE A 199 8.24 11.51 5.68
C ILE A 199 8.47 12.95 6.24
N LYS A 200 9.38 13.12 7.20
CA LYS A 200 9.67 14.44 7.81
C LYS A 200 10.22 15.45 6.81
N ASN A 201 10.67 15.04 5.62
CA ASN A 201 11.20 15.97 4.60
C ASN A 201 10.15 16.30 3.54
N LEU A 202 8.93 15.82 3.71
CA LEU A 202 7.88 16.12 2.72
C LEU A 202 7.44 17.60 2.83
P AMP B . -3.72 -6.24 1.33
O1P AMP B . -4.22 -6.62 2.68
O2P AMP B . -3.07 -7.41 0.58
O3P AMP B . -2.81 -5.02 1.28
O5' AMP B . -5.07 -5.83 0.53
C5' AMP B . -6.02 -6.86 0.20
C4' AMP B . -6.36 -6.81 -1.28
O4' AMP B . -6.95 -5.53 -1.61
C3' AMP B . -5.22 -6.93 -2.31
O3' AMP B . -4.76 -8.27 -2.47
C2' AMP B . -5.92 -6.38 -3.58
O2' AMP B . -6.73 -7.35 -4.21
C1' AMP B . -6.74 -5.23 -2.98
N9 AMP B . -6.11 -3.91 -3.08
C8 AMP B . -5.41 -3.23 -2.11
N7 AMP B . -4.99 -2.04 -2.49
C5 AMP B . -5.50 -1.90 -3.77
C6 AMP B . -5.42 -0.84 -4.69
N6 AMP B . -4.81 0.32 -4.45
N1 AMP B . -6.04 -1.01 -5.87
C2 AMP B . -6.68 -2.17 -6.10
N3 AMP B . -6.80 -3.25 -5.32
C4 AMP B . -6.20 -3.03 -4.14
PG ATP C . 0.07 -8.12 1.99
O1G ATP C . 0.42 -7.17 0.88
O2G ATP C . -0.12 -9.63 1.61
O3G ATP C . -0.80 -7.60 3.07
PB ATP C . 2.42 -7.22 3.59
O1B ATP C . 3.44 -6.66 2.73
O2B ATP C . 1.45 -6.35 4.38
O3B ATP C . 1.58 -8.26 2.73
PA ATP C . 3.07 -8.48 6.19
O1A ATP C . 3.30 -7.21 6.94
O2A ATP C . 1.76 -9.17 6.48
O3A ATP C . 3.25 -8.21 4.61
O5' ATP C . 4.34 -9.45 6.47
C5' ATP C . 4.46 -10.77 5.87
C4' ATP C . 5.23 -11.65 6.83
O4' ATP C . 6.57 -11.15 6.92
C3' ATP C . 4.68 -11.66 8.27
O3' ATP C . 4.69 -12.93 8.91
C2' ATP C . 5.61 -10.66 8.94
O2' ATP C . 5.70 -10.90 10.32
C1' ATP C . 6.91 -10.92 8.25
N9 ATP C . 7.90 -9.82 8.24
C8 ATP C . 7.64 -8.52 7.88
N7 ATP C . 8.73 -7.78 7.87
C5 ATP C . 9.76 -8.65 8.19
C6 ATP C . 11.15 -8.47 8.35
N6 ATP C . 11.82 -7.32 8.11
N1 ATP C . 11.88 -9.58 8.64
C2 ATP C . 11.23 -10.73 8.86
N3 ATP C . 9.93 -11.01 8.77
C4 ATP C . 9.25 -9.91 8.42
MG MG D . -0.55 -6.22 4.50
N1 EPE E . -8.57 18.12 13.70
C2 EPE E . -8.75 19.46 13.10
C3 EPE E . -9.00 19.56 11.60
N4 EPE E . -9.73 18.44 11.03
C5 EPE E . -10.16 17.48 12.03
C6 EPE E . -9.00 17.02 12.87
C7 EPE E . -10.77 18.59 10.01
C8 EPE E . -11.92 19.48 10.27
O8 EPE E . -11.42 20.61 9.59
C9 EPE E . -7.13 17.96 13.91
C10 EPE E . -6.78 16.64 14.51
S EPE E . -5.93 16.93 15.84
O1S EPE E . -6.45 16.06 16.84
O2S EPE E . -6.15 18.33 16.22
O3S EPE E . -4.61 16.36 15.87
CL CL F . 3.13 -2.99 -5.09
#